data_9BTP
#
_entry.id   9BTP
#
_cell.length_a   37.768
_cell.length_b   69.717
_cell.length_c   198.266
_cell.angle_alpha   90.000
_cell.angle_beta   90.000
_cell.angle_gamma   90.000
#
_symmetry.space_group_name_H-M   'P 21 21 21'
#
loop_
_entity.id
_entity.type
_entity.pdbx_description
1 polymer 'Leucine-rich repeat protein SHOC-2'
2 non-polymer "(2S)-{2-[(4-chloro[1,1'-biphenyl]-3-yl)methoxy]phenyl}[(2-oxo-2,3-dihydro-1,3-benzoxazol-5-yl)amino]acetic acid"
3 non-polymer 'POTASSIUM ION'
4 water water
#
_entity_poly.entity_id   1
_entity_poly.type   'polypeptide(L)'
_entity_poly.pdbx_seq_one_letter_code
;GPGTRKKSSNAEVIKELNKCREENSMRLDLSKRSIHILPSSIKELTQLTELYLYSNKLQSLPAEVGCLVNLMTLALSENS
LTSLPDSLDNLKKLRMLDLRHNKLREIPSVVYRLDSLTTLYLRFNRITTVEKDIKNLSKLSMLSIRENKIKQLPAEIGEL
CNLITLDVAHNQLEHLPKEIGNCTQITNLDLQHNELLDLPDTIGNLSSLSRLGLRYNRLSAIPRSLAKCSALEELNLENN
NISTLPESLLSSLVKLNSLTLARNCFQLYPVGGPSQFSTIYSLNMEHNRINKIPFGIFSRAKVLSKLNMKDNQLTSLPLD
FGTWTSMVELNLATNQLTKIPEDVSGLVSLEVLILSNNLLKKLPHGLGNLRKLRELDLEENKLESLPNEIAYLKDLQKLV
LTNNQLTTLPRGIGHLTNLTHLGLGENLLTHLPEEIGTLENLEELYLNDNPNLHSLPFELALCSKLSIMSIENCPLSHLP
PQIVAGGPSFIIQFLKMQGPYRAMV
;
_entity_poly.pdbx_strand_id   A
#
# COMPACT_ATOMS: atom_id res chain seq x y z
N LYS A 7 -3.26 21.54 29.07
CA LYS A 7 -4.27 21.14 30.06
C LYS A 7 -4.94 22.33 30.76
N SER A 8 -6.20 22.62 30.42
CA SER A 8 -6.88 23.83 30.87
C SER A 8 -7.86 23.53 31.99
N SER A 9 -7.82 24.34 33.04
CA SER A 9 -8.85 24.27 34.06
C SER A 9 -10.13 24.95 33.56
N ASN A 10 -11.23 24.68 34.26
CA ASN A 10 -12.50 25.32 33.99
C ASN A 10 -12.35 26.83 33.88
N ALA A 11 -11.62 27.44 34.82
CA ALA A 11 -11.45 28.88 34.83
C ALA A 11 -10.67 29.35 33.61
N GLU A 12 -9.66 28.60 33.20
CA GLU A 12 -8.96 28.92 31.95
C GLU A 12 -9.90 28.83 30.76
N VAL A 13 -10.75 27.81 30.73
CA VAL A 13 -11.70 27.70 29.63
C VAL A 13 -12.61 28.91 29.61
N ILE A 14 -13.09 29.30 30.80
CA ILE A 14 -13.89 30.51 30.92
C ILE A 14 -13.12 31.73 30.42
N LYS A 15 -11.87 31.87 30.86
CA LYS A 15 -11.07 33.01 30.39
C LYS A 15 -11.04 33.05 28.88
N GLU A 16 -11.04 31.90 28.22
CA GLU A 16 -10.90 31.87 26.77
C GLU A 16 -12.21 32.22 26.07
N LEU A 17 -13.33 31.74 26.61
CA LEU A 17 -14.64 32.16 26.08
C LEU A 17 -14.82 33.65 26.25
N ASN A 18 -14.49 34.18 27.42
CA ASN A 18 -14.65 35.61 27.62
C ASN A 18 -13.73 36.41 26.70
N LYS A 19 -12.54 35.89 26.40
CA LYS A 19 -11.68 36.58 25.45
C LYS A 19 -12.33 36.59 24.07
N CYS A 20 -12.84 35.44 23.63
CA CYS A 20 -13.38 35.32 22.30
C CYS A 20 -14.64 36.18 22.12
N ARG A 21 -15.51 36.26 23.12
CA ARG A 21 -16.68 37.11 22.93
C ARG A 21 -16.28 38.59 23.00
N GLU A 22 -15.36 38.93 23.89
CA GLU A 22 -14.84 40.30 23.94
C GLU A 22 -14.39 40.75 22.56
N GLU A 23 -13.54 39.95 21.91
CA GLU A 23 -12.94 40.32 20.63
C GLU A 23 -13.88 40.09 19.45
N ASN A 24 -15.07 39.56 19.68
CA ASN A 24 -16.04 39.28 18.61
C ASN A 24 -15.44 38.34 17.56
N SER A 25 -14.57 37.44 18.03
CA SER A 25 -13.92 36.48 17.16
C SER A 25 -14.92 35.48 16.58
N MET A 26 -14.64 35.01 15.36
CA MET A 26 -15.53 34.09 14.68
C MET A 26 -15.09 32.64 14.79
N ARG A 27 -13.90 32.40 15.30
CA ARG A 27 -13.38 31.06 15.50
C ARG A 27 -12.91 30.94 16.93
N LEU A 28 -13.39 29.91 17.63
CA LEU A 28 -12.93 29.58 18.97
C LEU A 28 -12.29 28.19 18.90
N ASP A 29 -11.02 28.11 19.25
CA ASP A 29 -10.29 26.85 19.26
C ASP A 29 -9.99 26.49 20.71
N LEU A 30 -10.66 25.46 21.22
CA LEU A 30 -10.40 24.91 22.55
C LEU A 30 -9.93 23.46 22.46
N SER A 31 -9.27 23.08 21.38
CA SER A 31 -8.83 21.71 21.20
C SER A 31 -7.58 21.42 22.02
N LYS A 32 -7.34 20.13 22.27
CA LYS A 32 -6.08 19.67 22.83
C LYS A 32 -5.83 20.32 24.18
N ARG A 33 -6.80 20.17 25.09
CA ARG A 33 -6.80 20.87 26.36
C ARG A 33 -7.32 20.02 27.51
N SER A 34 -7.73 18.78 27.26
CA SER A 34 -8.22 17.89 28.33
C SER A 34 -9.43 18.47 29.05
N ILE A 35 -10.29 19.19 28.35
CA ILE A 35 -11.49 19.72 28.98
C ILE A 35 -12.47 18.59 29.23
N HIS A 36 -13.05 18.54 30.43
CA HIS A 36 -14.05 17.55 30.81
C HIS A 36 -15.47 18.07 30.62
N ILE A 37 -15.70 19.36 30.82
CA ILE A 37 -17.03 19.93 30.66
C ILE A 37 -16.87 21.32 30.04
N LEU A 38 -17.78 21.65 29.15
CA LEU A 38 -17.78 22.95 28.52
C LEU A 38 -18.77 23.83 29.25
N PRO A 39 -18.36 24.94 29.87
CA PRO A 39 -19.30 25.72 30.68
C PRO A 39 -20.46 26.27 29.84
N SER A 40 -21.59 26.49 30.53
CA SER A 40 -22.77 27.06 29.88
C SER A 40 -22.49 28.41 29.23
N SER A 41 -21.53 29.18 29.78
CA SER A 41 -21.31 30.55 29.30
C SER A 41 -20.99 30.62 27.82
N ILE A 42 -20.69 29.51 27.16
CA ILE A 42 -20.42 29.53 25.73
C ILE A 42 -21.64 29.99 24.94
N LYS A 43 -22.82 30.02 25.55
CA LYS A 43 -24.00 30.46 24.82
C LYS A 43 -23.91 31.92 24.40
N GLU A 44 -23.06 32.72 25.07
CA GLU A 44 -22.90 34.13 24.69
C GLU A 44 -22.17 34.33 23.37
N LEU A 45 -21.43 33.34 22.88
CA LEU A 45 -20.56 33.49 21.72
C LEU A 45 -21.29 33.30 20.40
N THR A 46 -22.38 34.05 20.23
CA THR A 46 -23.22 33.92 19.04
C THR A 46 -22.56 34.40 17.76
N GLN A 47 -21.44 35.14 17.85
CA GLN A 47 -20.70 35.51 16.65
C GLN A 47 -19.89 34.35 16.06
N LEU A 48 -19.89 33.19 16.70
CA LEU A 48 -19.02 32.10 16.28
C LEU A 48 -19.51 31.46 14.98
N THR A 49 -18.60 31.30 14.02
CA THR A 49 -18.87 30.48 12.84
C THR A 49 -18.04 29.21 12.84
N GLU A 50 -17.07 29.09 13.74
CA GLU A 50 -16.29 27.87 13.82
C GLU A 50 -15.94 27.60 15.27
N LEU A 51 -16.21 26.39 15.71
CA LEU A 51 -15.93 25.93 17.06
C LEU A 51 -15.16 24.64 16.95
N TYR A 52 -13.91 24.64 17.42
CA TYR A 52 -13.08 23.46 17.47
C TYR A 52 -12.97 23.02 18.92
N LEU A 53 -13.42 21.78 19.19
CA LEU A 53 -13.39 21.17 20.51
C LEU A 53 -12.74 19.79 20.47
N TYR A 54 -11.96 19.50 19.44
CA TYR A 54 -11.42 18.17 19.25
C TYR A 54 -10.29 17.90 20.25
N SER A 55 -10.06 16.60 20.51
CA SER A 55 -9.03 16.12 21.45
C SER A 55 -9.22 16.73 22.83
N ASN A 56 -10.31 16.33 23.46
CA ASN A 56 -10.61 16.71 24.84
C ASN A 56 -11.14 15.45 25.52
N LYS A 57 -11.79 15.63 26.67
CA LYS A 57 -12.36 14.53 27.42
C LYS A 57 -13.88 14.70 27.56
N LEU A 58 -14.48 15.30 26.55
CA LEU A 58 -15.91 15.62 26.62
C LEU A 58 -16.73 14.35 26.49
N GLN A 59 -17.63 14.16 27.43
CA GLN A 59 -18.58 13.06 27.35
C GLN A 59 -19.99 13.56 27.09
N SER A 60 -20.18 14.87 26.98
CA SER A 60 -21.48 15.44 26.64
C SER A 60 -21.26 16.86 26.13
N LEU A 61 -22.12 17.27 25.21
CA LEU A 61 -22.06 18.59 24.63
C LEU A 61 -23.24 19.39 25.16
N PRO A 62 -23.04 20.52 25.81
CA PRO A 62 -24.18 21.20 26.45
C PRO A 62 -25.16 21.72 25.42
N ALA A 63 -26.45 21.64 25.75
CA ALA A 63 -27.48 22.15 24.86
C ALA A 63 -27.26 23.62 24.50
N GLU A 64 -26.46 24.35 25.27
CA GLU A 64 -26.20 25.76 24.97
C GLU A 64 -25.51 25.96 23.63
N VAL A 65 -24.72 24.97 23.19
CA VAL A 65 -24.08 25.05 21.87
C VAL A 65 -25.10 25.31 20.76
N GLY A 66 -26.35 24.89 20.98
CA GLY A 66 -27.42 25.17 20.03
C GLY A 66 -27.76 26.63 19.87
N CYS A 67 -27.25 27.49 20.76
CA CYS A 67 -27.41 28.93 20.60
C CYS A 67 -26.43 29.52 19.58
N LEU A 68 -25.34 28.82 19.25
CA LEU A 68 -24.38 29.31 18.28
C LEU A 68 -24.98 29.20 16.88
N VAL A 69 -25.96 30.06 16.65
CA VAL A 69 -26.83 30.06 15.47
C VAL A 69 -26.06 30.19 14.15
N ASN A 70 -24.83 30.71 14.18
CA ASN A 70 -24.07 30.96 12.96
C ASN A 70 -22.96 29.94 12.74
N LEU A 71 -22.95 28.84 13.48
CA LEU A 71 -21.88 27.85 13.31
C LEU A 71 -21.91 27.29 11.90
N MET A 72 -20.80 27.42 11.20
CA MET A 72 -20.63 26.69 9.95
C MET A 72 -19.89 25.38 10.14
N THR A 73 -19.00 25.32 11.13
CA THR A 73 -18.13 24.17 11.37
C THR A 73 -18.13 23.84 12.85
N LEU A 74 -18.32 22.56 13.16
CA LEU A 74 -18.29 22.06 14.53
C LEU A 74 -17.37 20.85 14.56
N ALA A 75 -16.21 20.98 15.20
CA ALA A 75 -15.19 19.92 15.16
C ALA A 75 -15.09 19.26 16.54
N LEU A 76 -15.55 18.00 16.63
CA LEU A 76 -15.66 17.31 17.91
C LEU A 76 -14.89 16.00 18.00
N SER A 77 -13.95 15.74 17.09
CA SER A 77 -13.30 14.44 17.07
C SER A 77 -12.47 14.21 18.33
N GLU A 78 -12.19 12.94 18.62
CA GLU A 78 -11.36 12.53 19.76
C GLU A 78 -11.90 13.09 21.06
N ASN A 79 -13.12 12.68 21.38
CA ASN A 79 -13.74 12.93 22.68
C ASN A 79 -14.41 11.62 23.09
N SER A 80 -15.29 11.66 24.07
CA SER A 80 -16.08 10.49 24.43
C SER A 80 -17.58 10.76 24.29
N LEU A 81 -17.98 11.44 23.22
CA LEU A 81 -19.40 11.73 23.04
C LEU A 81 -20.16 10.46 22.70
N THR A 82 -21.33 10.30 23.30
CA THR A 82 -22.28 9.25 22.89
C THR A 82 -23.61 9.85 22.43
N SER A 83 -23.70 11.16 22.28
CA SER A 83 -24.98 11.75 21.93
C SER A 83 -24.78 13.23 21.69
N LEU A 84 -25.78 13.83 21.07
CA LEU A 84 -25.75 15.27 20.85
C LEU A 84 -27.09 15.87 21.27
N PRO A 85 -27.06 17.07 21.84
CA PRO A 85 -28.31 17.71 22.28
C PRO A 85 -29.22 18.04 21.11
N ASP A 86 -30.52 17.97 21.39
CA ASP A 86 -31.53 18.27 20.36
C ASP A 86 -31.53 19.74 19.96
N SER A 87 -31.09 20.62 20.85
CA SER A 87 -31.01 22.03 20.53
C SER A 87 -30.14 22.32 19.31
N LEU A 88 -29.32 21.35 18.86
CA LEU A 88 -28.49 21.59 17.68
C LEU A 88 -29.30 21.76 16.40
N ASP A 89 -30.60 21.45 16.43
CA ASP A 89 -31.67 21.93 15.53
C ASP A 89 -31.49 23.35 15.00
N ASN A 90 -31.02 24.23 15.87
CA ASN A 90 -30.93 25.66 15.60
C ASN A 90 -29.76 26.01 14.70
N LEU A 91 -28.82 25.09 14.52
CA LEU A 91 -27.65 25.33 13.67
C LEU A 91 -28.05 25.20 12.20
N LYS A 92 -28.84 26.18 11.74
CA LYS A 92 -29.40 26.13 10.39
C LYS A 92 -28.35 26.34 9.30
N LYS A 93 -27.14 26.78 9.65
CA LYS A 93 -26.08 27.01 8.68
C LYS A 93 -24.92 26.03 8.83
N LEU A 94 -25.05 25.00 9.66
CA LEU A 94 -23.91 24.11 9.94
C LEU A 94 -23.53 23.34 8.68
N ARG A 95 -22.33 23.59 8.17
CA ARG A 95 -21.93 22.93 6.94
C ARG A 95 -21.12 21.66 7.19
N MET A 96 -20.40 21.61 8.30
CA MET A 96 -19.48 20.51 8.51
C MET A 96 -19.50 20.10 9.97
N LEU A 97 -19.64 18.79 10.19
CA LEU A 97 -19.70 18.20 11.52
C LEU A 97 -18.74 17.02 11.57
N ASP A 98 -17.83 17.04 12.56
CA ASP A 98 -16.74 16.07 12.68
C ASP A 98 -16.87 15.34 14.02
N LEU A 99 -17.23 14.06 13.96
CA LEU A 99 -17.52 13.27 15.16
C LEU A 99 -16.66 12.01 15.23
N ARG A 100 -15.54 11.96 14.53
CA ARG A 100 -14.85 10.69 14.55
C ARG A 100 -14.08 10.51 15.86
N HIS A 101 -13.70 9.26 16.14
CA HIS A 101 -13.02 8.88 17.37
C HIS A 101 -13.79 9.40 18.58
N ASN A 102 -15.06 8.98 18.65
CA ASN A 102 -15.88 9.18 19.83
C ASN A 102 -16.41 7.80 20.21
N LYS A 103 -17.50 7.78 20.97
CA LYS A 103 -18.08 6.51 21.40
C LYS A 103 -19.55 6.43 21.00
N LEU A 104 -19.84 6.77 19.75
CA LEU A 104 -21.22 6.77 19.26
C LEU A 104 -21.67 5.36 18.94
N ARG A 105 -22.81 4.96 19.47
CA ARG A 105 -23.43 3.71 19.04
C ARG A 105 -24.39 3.92 17.89
N GLU A 106 -24.48 5.16 17.38
CA GLU A 106 -25.43 5.54 16.36
C GLU A 106 -25.14 6.98 15.98
N ILE A 107 -25.71 7.39 14.85
CA ILE A 107 -25.74 8.81 14.48
C ILE A 107 -26.77 9.47 15.38
N PRO A 108 -26.38 10.45 16.19
CA PRO A 108 -27.37 11.10 17.05
C PRO A 108 -28.53 11.61 16.20
N SER A 109 -29.76 11.45 16.72
CA SER A 109 -30.91 11.69 15.86
C SER A 109 -31.01 13.15 15.43
N VAL A 110 -30.46 14.09 16.20
CA VAL A 110 -30.49 15.49 15.76
C VAL A 110 -29.68 15.66 14.49
N VAL A 111 -28.62 14.87 14.30
CA VAL A 111 -27.75 15.04 13.14
C VAL A 111 -28.56 14.88 11.86
N TYR A 112 -29.57 14.01 11.87
CA TYR A 112 -30.45 13.82 10.71
C TYR A 112 -31.36 15.01 10.44
N ARG A 113 -31.38 16.02 11.30
CA ARG A 113 -32.12 17.25 11.04
C ARG A 113 -31.22 18.42 10.64
N LEU A 114 -29.90 18.21 10.58
CA LEU A 114 -28.97 19.26 10.16
C LEU A 114 -28.84 19.25 8.63
N ASP A 115 -29.91 19.68 7.96
CA ASP A 115 -30.02 19.47 6.52
C ASP A 115 -29.20 20.48 5.70
N SER A 116 -28.44 21.35 6.34
CA SER A 116 -27.45 22.15 5.64
C SER A 116 -26.08 21.47 5.56
N LEU A 117 -25.88 20.35 6.26
CA LEU A 117 -24.59 19.68 6.25
C LEU A 117 -24.18 19.27 4.84
N THR A 118 -22.90 19.51 4.53
CA THR A 118 -22.27 18.97 3.34
C THR A 118 -21.08 18.06 3.66
N THR A 119 -20.68 17.95 4.93
CA THR A 119 -19.53 17.14 5.30
C THR A 119 -19.77 16.53 6.66
N LEU A 120 -19.86 15.20 6.70
CA LEU A 120 -20.12 14.48 7.94
C LEU A 120 -19.07 13.38 8.11
N TYR A 121 -18.27 13.49 9.18
CA TYR A 121 -17.19 12.55 9.49
C TYR A 121 -17.56 11.76 10.73
N LEU A 122 -17.75 10.44 10.58
CA LEU A 122 -18.08 9.59 11.71
C LEU A 122 -17.09 8.44 11.89
N ARG A 123 -15.89 8.55 11.31
CA ARG A 123 -14.96 7.44 11.35
C ARG A 123 -14.65 7.03 12.80
N PHE A 124 -14.45 5.73 13.00
CA PHE A 124 -14.00 5.15 14.26
C PHE A 124 -15.00 5.47 15.39
N ASN A 125 -16.14 4.80 15.30
CA ASN A 125 -17.16 4.81 16.33
C ASN A 125 -17.69 3.39 16.42
N ARG A 126 -18.85 3.22 17.04
CA ARG A 126 -19.50 1.91 17.11
C ARG A 126 -20.89 1.98 16.50
N ILE A 127 -21.06 2.77 15.45
CA ILE A 127 -22.36 3.00 14.86
C ILE A 127 -22.83 1.71 14.17
N THR A 128 -24.05 1.29 14.48
CA THR A 128 -24.56 0.05 13.90
C THR A 128 -25.57 0.29 12.78
N THR A 129 -26.15 1.48 12.69
CA THR A 129 -27.24 1.73 11.77
C THR A 129 -27.09 3.08 11.10
N VAL A 130 -27.64 3.19 9.90
CA VAL A 130 -27.86 4.46 9.23
C VAL A 130 -29.34 4.54 8.90
N GLU A 131 -30.03 5.52 9.47
CA GLU A 131 -31.48 5.55 9.41
C GLU A 131 -31.98 6.00 8.04
N LYS A 132 -33.19 5.54 7.71
CA LYS A 132 -33.89 6.07 6.54
C LYS A 132 -33.83 7.60 6.46
N ASP A 133 -33.79 8.29 7.61
CA ASP A 133 -33.76 9.74 7.65
C ASP A 133 -32.52 10.33 6.99
N ILE A 134 -31.53 9.53 6.63
CA ILE A 134 -30.33 10.07 5.99
C ILE A 134 -30.70 10.89 4.75
N LYS A 135 -31.92 10.74 4.23
CA LYS A 135 -32.32 11.50 3.04
C LYS A 135 -32.53 12.97 3.33
N ASN A 136 -32.80 13.33 4.59
CA ASN A 136 -32.82 14.74 4.97
C ASN A 136 -31.53 15.45 4.61
N LEU A 137 -30.41 14.74 4.55
CA LEU A 137 -29.11 15.37 4.36
C LEU A 137 -28.72 15.40 2.90
N SER A 138 -29.62 15.93 2.05
CA SER A 138 -29.44 15.85 0.61
C SER A 138 -28.30 16.72 0.10
N LYS A 139 -27.75 17.59 0.93
CA LYS A 139 -26.62 18.41 0.54
C LYS A 139 -25.27 17.74 0.83
N LEU A 140 -25.25 16.56 1.45
CA LEU A 140 -23.98 15.94 1.76
C LEU A 140 -23.22 15.70 0.48
N SER A 141 -21.95 16.10 0.44
CA SER A 141 -21.07 15.72 -0.63
C SER A 141 -19.93 14.83 -0.17
N MET A 142 -19.62 14.85 1.13
CA MET A 142 -18.63 13.98 1.72
C MET A 142 -19.27 13.29 2.92
N LEU A 143 -19.44 11.98 2.85
CA LEU A 143 -19.93 11.21 3.99
C LEU A 143 -18.91 10.13 4.31
N SER A 144 -18.38 10.13 5.53
CA SER A 144 -17.40 9.12 5.94
C SER A 144 -17.90 8.41 7.20
N ILE A 145 -18.15 7.10 7.08
CA ILE A 145 -18.58 6.30 8.21
C ILE A 145 -17.69 5.08 8.34
N ARG A 146 -16.44 5.18 7.92
CA ARG A 146 -15.60 4.01 7.96
C ARG A 146 -15.30 3.65 9.41
N GLU A 147 -14.94 2.38 9.63
CA GLU A 147 -14.61 1.86 10.96
C GLU A 147 -15.78 2.08 11.94
N ASN A 148 -16.94 1.53 11.54
CA ASN A 148 -18.06 1.39 12.46
C ASN A 148 -18.61 -0.02 12.36
N LYS A 149 -19.90 -0.21 12.61
CA LYS A 149 -20.47 -1.54 12.60
C LYS A 149 -21.75 -1.58 11.78
N ILE A 150 -21.73 -0.95 10.61
CA ILE A 150 -22.91 -0.88 9.77
C ILE A 150 -23.06 -2.20 9.02
N LYS A 151 -24.24 -2.81 9.13
CA LYS A 151 -24.55 -4.02 8.37
C LYS A 151 -25.30 -3.74 7.08
N GLN A 152 -25.91 -2.56 6.95
CA GLN A 152 -26.77 -2.27 5.81
C GLN A 152 -26.86 -0.76 5.60
N LEU A 153 -26.87 -0.35 4.33
CA LEU A 153 -27.18 1.02 3.93
C LEU A 153 -28.61 1.06 3.46
N PRO A 154 -29.40 2.03 3.87
CA PRO A 154 -30.80 2.07 3.43
C PRO A 154 -30.87 2.51 1.98
N ALA A 155 -31.98 2.14 1.34
CA ALA A 155 -32.25 2.64 -0.01
C ALA A 155 -32.30 4.16 -0.06
N GLU A 156 -32.58 4.82 1.06
CA GLU A 156 -32.64 6.27 1.05
C GLU A 156 -31.29 6.91 0.74
N ILE A 157 -30.22 6.12 0.68
CA ILE A 157 -28.90 6.67 0.34
C ILE A 157 -28.90 7.24 -1.06
N GLY A 158 -29.73 6.68 -1.95
CA GLY A 158 -29.88 7.17 -3.30
C GLY A 158 -30.48 8.55 -3.45
N GLU A 159 -30.85 9.22 -2.36
CA GLU A 159 -31.33 10.60 -2.40
C GLU A 159 -30.24 11.62 -2.11
N LEU A 160 -28.99 11.17 -1.96
CA LEU A 160 -27.86 12.07 -1.77
C LEU A 160 -27.18 12.33 -3.13
N CYS A 161 -27.91 12.98 -4.01
CA CYS A 161 -27.41 13.15 -5.37
C CYS A 161 -26.19 14.06 -5.46
N ASN A 162 -25.79 14.74 -4.38
CA ASN A 162 -24.56 15.51 -4.40
C ASN A 162 -23.36 14.79 -3.79
N LEU A 163 -23.52 13.54 -3.38
CA LEU A 163 -22.40 12.80 -2.81
C LEU A 163 -21.22 12.74 -3.78
N ILE A 164 -20.04 13.11 -3.29
CA ILE A 164 -18.80 13.01 -4.04
C ILE A 164 -17.90 11.91 -3.47
N THR A 165 -17.87 11.77 -2.15
CA THR A 165 -17.03 10.81 -1.47
C THR A 165 -17.87 10.05 -0.45
N LEU A 166 -18.02 8.76 -0.68
CA LEU A 166 -18.67 7.85 0.25
C LEU A 166 -17.63 6.85 0.68
N ASP A 167 -17.31 6.85 1.98
CA ASP A 167 -16.31 5.96 2.56
C ASP A 167 -17.00 5.08 3.60
N VAL A 168 -17.11 3.78 3.32
CA VAL A 168 -17.69 2.87 4.31
C VAL A 168 -16.73 1.72 4.59
N ALA A 169 -15.44 1.98 4.41
CA ALA A 169 -14.42 0.98 4.72
C ALA A 169 -14.63 0.41 6.12
N HIS A 170 -14.25 -0.85 6.31
CA HIS A 170 -14.22 -1.44 7.64
C HIS A 170 -15.58 -1.35 8.33
N ASN A 171 -16.63 -1.78 7.63
CA ASN A 171 -17.92 -2.05 8.25
C ASN A 171 -18.31 -3.49 7.95
N GLN A 172 -19.62 -3.78 7.94
CA GLN A 172 -20.07 -5.15 7.78
C GLN A 172 -21.07 -5.27 6.65
N LEU A 173 -20.94 -4.46 5.61
CA LEU A 173 -21.93 -4.49 4.55
C LEU A 173 -21.84 -5.82 3.82
N GLU A 174 -22.98 -6.47 3.61
CA GLU A 174 -23.05 -7.63 2.75
C GLU A 174 -23.61 -7.31 1.37
N HIS A 175 -24.40 -6.24 1.23
CA HIS A 175 -24.87 -5.79 -0.08
C HIS A 175 -24.86 -4.28 -0.11
N LEU A 176 -25.06 -3.74 -1.31
CA LEU A 176 -25.36 -2.32 -1.42
C LEU A 176 -26.76 -2.14 -1.98
N PRO A 177 -27.47 -1.12 -1.55
CA PRO A 177 -28.77 -0.84 -2.16
C PRO A 177 -28.57 -0.47 -3.62
N LYS A 178 -29.44 -0.99 -4.50
CA LYS A 178 -29.30 -0.64 -5.90
C LYS A 178 -29.47 0.87 -6.11
N GLU A 179 -30.21 1.53 -5.22
CA GLU A 179 -30.40 2.98 -5.35
C GLU A 179 -29.11 3.76 -5.18
N ILE A 180 -28.00 3.12 -4.79
CA ILE A 180 -26.73 3.82 -4.73
C ILE A 180 -26.36 4.35 -6.10
N GLY A 181 -26.85 3.71 -7.16
CA GLY A 181 -26.65 4.19 -8.51
C GLY A 181 -27.27 5.53 -8.82
N ASN A 182 -28.15 6.05 -7.96
CA ASN A 182 -28.67 7.39 -8.16
C ASN A 182 -27.67 8.46 -7.75
N CYS A 183 -26.58 8.08 -7.09
CA CYS A 183 -25.59 9.05 -6.61
C CYS A 183 -24.52 9.27 -7.69
N THR A 184 -24.99 9.76 -8.84
CA THR A 184 -24.19 9.88 -10.05
C THR A 184 -23.01 10.84 -9.94
N GLN A 185 -22.82 11.55 -8.83
CA GLN A 185 -21.64 12.40 -8.72
C GLN A 185 -20.48 11.72 -7.99
N ILE A 186 -20.68 10.53 -7.44
CA ILE A 186 -19.63 9.90 -6.64
C ILE A 186 -18.36 9.71 -7.47
N THR A 187 -17.23 10.20 -6.94
CA THR A 187 -15.94 9.94 -7.56
C THR A 187 -15.01 9.06 -6.72
N ASN A 188 -15.22 8.98 -5.41
CA ASN A 188 -14.42 8.13 -4.54
C ASN A 188 -15.34 7.28 -3.69
N LEU A 189 -15.38 5.99 -3.95
CA LEU A 189 -16.18 5.06 -3.17
C LEU A 189 -15.23 4.03 -2.56
N ASP A 190 -15.09 4.01 -1.23
CA ASP A 190 -14.25 3.03 -0.56
C ASP A 190 -15.13 2.05 0.21
N LEU A 191 -15.06 0.78 -0.18
CA LEU A 191 -15.85 -0.29 0.43
C LEU A 191 -14.96 -1.40 0.98
N GLN A 192 -13.67 -1.14 1.15
CA GLN A 192 -12.73 -2.15 1.62
C GLN A 192 -13.14 -2.69 2.98
N HIS A 193 -12.75 -3.94 3.23
CA HIS A 193 -12.94 -4.60 4.52
C HIS A 193 -14.40 -4.49 4.98
N ASN A 194 -15.28 -5.08 4.17
CA ASN A 194 -16.66 -5.36 4.55
C ASN A 194 -16.92 -6.85 4.35
N GLU A 195 -18.14 -7.23 3.99
CA GLU A 195 -18.48 -8.62 3.70
C GLU A 195 -19.29 -8.71 2.42
N LEU A 196 -18.98 -7.86 1.44
CA LEU A 196 -19.83 -7.69 0.26
C LEU A 196 -19.90 -8.98 -0.56
N LEU A 197 -21.13 -9.44 -0.79
CA LEU A 197 -21.30 -10.65 -1.58
C LEU A 197 -21.44 -10.35 -3.07
N ASP A 198 -21.79 -9.12 -3.41
CA ASP A 198 -21.98 -8.72 -4.79
C ASP A 198 -22.14 -7.21 -4.83
N LEU A 199 -22.16 -6.68 -6.03
CA LEU A 199 -22.42 -5.29 -6.29
C LEU A 199 -23.69 -5.17 -7.10
N PRO A 200 -24.45 -4.09 -6.93
CA PRO A 200 -25.65 -3.91 -7.74
C PRO A 200 -25.26 -3.52 -9.15
N ASP A 201 -26.13 -3.85 -10.11
CA ASP A 201 -25.87 -3.55 -11.51
C ASP A 201 -26.06 -2.08 -11.86
N THR A 202 -26.71 -1.31 -10.99
CA THR A 202 -26.78 0.13 -11.12
C THR A 202 -25.43 0.79 -10.94
N ILE A 203 -24.39 0.03 -10.55
CA ILE A 203 -23.08 0.62 -10.29
C ILE A 203 -22.53 1.33 -11.51
N GLY A 204 -22.88 0.85 -12.71
CA GLY A 204 -22.43 1.48 -13.94
C GLY A 204 -22.98 2.88 -14.17
N ASN A 205 -24.02 3.27 -13.43
CA ASN A 205 -24.52 4.64 -13.50
C ASN A 205 -23.52 5.67 -13.01
N LEU A 206 -22.53 5.28 -12.19
CA LEU A 206 -21.61 6.23 -11.57
C LEU A 206 -20.52 6.57 -12.57
N SER A 207 -20.87 7.42 -13.53
CA SER A 207 -19.94 7.69 -14.62
C SER A 207 -18.83 8.65 -14.23
N SER A 208 -18.79 9.12 -12.98
CA SER A 208 -17.69 9.94 -12.51
C SER A 208 -16.79 9.23 -11.52
N LEU A 209 -17.18 8.03 -11.07
CA LEU A 209 -16.37 7.21 -10.17
C LEU A 209 -14.99 7.01 -10.75
N SER A 210 -13.97 7.46 -10.02
CA SER A 210 -12.60 7.24 -10.48
C SER A 210 -11.77 6.34 -9.56
N ARG A 211 -12.17 6.18 -8.30
CA ARG A 211 -11.48 5.31 -7.34
C ARG A 211 -12.53 4.43 -6.67
N LEU A 212 -12.39 3.11 -6.83
CA LEU A 212 -13.33 2.14 -6.29
C LEU A 212 -12.56 1.11 -5.49
N GLY A 213 -12.67 1.17 -4.16
CA GLY A 213 -11.98 0.23 -3.30
C GLY A 213 -12.86 -0.90 -2.80
N LEU A 214 -12.57 -2.13 -3.22
CA LEU A 214 -13.37 -3.29 -2.85
C LEU A 214 -12.52 -4.37 -2.20
N ARG A 215 -11.33 -4.01 -1.75
CA ARG A 215 -10.41 -4.99 -1.20
C ARG A 215 -10.98 -5.60 0.08
N TYR A 216 -10.79 -6.92 0.24
CA TYR A 216 -11.21 -7.65 1.43
C TYR A 216 -12.74 -7.74 1.56
N ASN A 217 -13.38 -8.36 0.58
CA ASN A 217 -14.80 -8.61 0.60
C ASN A 217 -15.03 -10.05 0.13
N ARG A 218 -16.28 -10.41 -0.11
CA ARG A 218 -16.60 -11.77 -0.52
C ARG A 218 -17.14 -11.81 -1.95
N LEU A 219 -16.73 -10.86 -2.78
CA LEU A 219 -17.21 -10.78 -4.16
C LEU A 219 -16.78 -12.02 -4.94
N SER A 220 -17.73 -12.61 -5.68
CA SER A 220 -17.45 -13.75 -6.52
C SER A 220 -17.59 -13.43 -8.00
N ALA A 221 -18.00 -12.22 -8.33
CA ALA A 221 -18.17 -11.81 -9.71
C ALA A 221 -18.24 -10.29 -9.74
N ILE A 222 -17.90 -9.73 -10.89
CA ILE A 222 -18.06 -8.29 -11.10
C ILE A 222 -19.22 -8.06 -12.06
N PRO A 223 -20.04 -7.04 -11.83
CA PRO A 223 -21.12 -6.76 -12.77
C PRO A 223 -20.55 -6.19 -14.07
N ARG A 224 -21.00 -6.76 -15.19
CA ARG A 224 -20.60 -6.22 -16.48
C ARG A 224 -20.89 -4.72 -16.58
N SER A 225 -21.86 -4.23 -15.80
CA SER A 225 -22.13 -2.80 -15.76
C SER A 225 -20.93 -1.97 -15.32
N LEU A 226 -19.98 -2.55 -14.57
CA LEU A 226 -18.86 -1.75 -14.14
C LEU A 226 -18.10 -1.19 -15.34
N ALA A 227 -18.28 -1.78 -16.52
CA ALA A 227 -17.65 -1.28 -17.73
C ALA A 227 -18.05 0.17 -18.03
N LYS A 228 -19.19 0.62 -17.54
CA LYS A 228 -19.66 1.97 -17.81
C LYS A 228 -19.08 3.04 -16.89
N CYS A 229 -18.30 2.66 -15.86
CA CYS A 229 -17.64 3.64 -15.01
C CYS A 229 -16.35 4.06 -15.71
N SER A 230 -16.53 4.70 -16.86
CA SER A 230 -15.40 4.96 -17.72
C SER A 230 -14.42 5.97 -17.14
N ALA A 231 -14.77 6.65 -16.05
CA ALA A 231 -13.81 7.49 -15.35
C ALA A 231 -12.87 6.72 -14.43
N LEU A 232 -13.03 5.40 -14.28
CA LEU A 232 -12.25 4.70 -13.27
C LEU A 232 -10.76 4.86 -13.54
N GLU A 233 -10.02 5.27 -12.51
CA GLU A 233 -8.57 5.35 -12.59
C GLU A 233 -7.86 4.31 -11.76
N GLU A 234 -8.51 3.79 -10.71
CA GLU A 234 -7.91 2.86 -9.78
C GLU A 234 -9.02 1.97 -9.23
N LEU A 235 -8.83 0.66 -9.35
CA LEU A 235 -9.81 -0.33 -8.98
C LEU A 235 -9.07 -1.42 -8.22
N ASN A 236 -9.41 -1.58 -6.94
CA ASN A 236 -8.72 -2.54 -6.07
C ASN A 236 -9.72 -3.62 -5.67
N LEU A 237 -9.50 -4.83 -6.17
CA LEU A 237 -10.32 -5.98 -5.80
C LEU A 237 -9.51 -7.02 -5.01
N GLU A 238 -8.43 -6.60 -4.35
CA GLU A 238 -7.60 -7.58 -3.66
C GLU A 238 -8.42 -8.38 -2.66
N ASN A 239 -8.16 -9.69 -2.63
CA ASN A 239 -8.74 -10.63 -1.65
C ASN A 239 -10.27 -10.66 -1.70
N ASN A 240 -10.77 -11.09 -2.84
CA ASN A 240 -12.15 -11.53 -2.96
C ASN A 240 -12.13 -12.96 -3.49
N ASN A 241 -13.23 -13.43 -4.08
CA ASN A 241 -13.30 -14.77 -4.66
C ASN A 241 -13.65 -14.72 -6.13
N ILE A 242 -13.00 -13.81 -6.85
CA ILE A 242 -13.33 -13.54 -8.24
C ILE A 242 -12.49 -14.46 -9.10
N SER A 243 -13.14 -15.20 -10.00
CA SER A 243 -12.37 -16.04 -10.89
C SER A 243 -12.32 -15.53 -12.33
N THR A 244 -13.21 -14.61 -12.73
CA THR A 244 -13.15 -13.95 -14.03
C THR A 244 -13.88 -12.61 -13.96
N LEU A 245 -13.56 -11.73 -14.92
CA LEU A 245 -14.13 -10.45 -15.26
C LEU A 245 -14.99 -10.55 -16.50
N PRO A 246 -16.09 -9.80 -16.61
CA PRO A 246 -16.83 -9.81 -17.88
C PRO A 246 -15.88 -9.39 -19.00
N GLU A 247 -16.00 -10.05 -20.14
CA GLU A 247 -15.01 -9.86 -21.19
C GLU A 247 -14.99 -8.39 -21.65
N SER A 248 -13.77 -7.88 -21.83
CA SER A 248 -13.51 -6.51 -22.30
C SER A 248 -14.08 -5.45 -21.35
N LEU A 249 -14.36 -5.81 -20.09
CA LEU A 249 -14.63 -4.80 -19.08
C LEU A 249 -13.51 -3.75 -19.02
N LEU A 250 -12.25 -4.19 -19.02
CA LEU A 250 -11.13 -3.27 -18.85
C LEU A 250 -10.85 -2.50 -20.13
N SER A 251 -11.19 -3.07 -21.29
CA SER A 251 -11.13 -2.30 -22.51
C SER A 251 -11.98 -1.05 -22.42
N SER A 252 -13.12 -1.12 -21.70
CA SER A 252 -14.00 0.04 -21.54
C SER A 252 -13.48 1.07 -20.55
N LEU A 253 -12.42 0.77 -19.80
CA LEU A 253 -11.96 1.66 -18.74
C LEU A 253 -10.76 2.44 -19.26
N VAL A 254 -11.06 3.50 -20.02
CA VAL A 254 -10.07 4.17 -20.87
C VAL A 254 -9.05 5.01 -20.11
N LYS A 255 -9.21 5.22 -18.81
CA LYS A 255 -8.17 5.88 -18.02
C LYS A 255 -7.64 5.01 -16.88
N LEU A 256 -7.96 3.71 -16.85
CA LEU A 256 -7.59 2.89 -15.71
C LEU A 256 -6.08 2.80 -15.64
N ASN A 257 -5.51 3.19 -14.52
CA ASN A 257 -4.07 3.15 -14.44
C ASN A 257 -3.53 2.32 -13.29
N SER A 258 -4.35 1.93 -12.33
CA SER A 258 -3.90 1.07 -11.24
C SER A 258 -4.98 0.03 -10.97
N LEU A 259 -4.64 -1.24 -11.19
CA LEU A 259 -5.57 -2.36 -11.05
C LEU A 259 -4.95 -3.40 -10.14
N THR A 260 -5.70 -3.91 -9.17
CA THR A 260 -5.27 -4.99 -8.28
C THR A 260 -6.28 -6.13 -8.34
N LEU A 261 -5.81 -7.31 -8.76
CA LEU A 261 -6.61 -8.53 -8.74
C LEU A 261 -6.03 -9.58 -7.80
N ALA A 262 -5.07 -9.19 -6.97
CA ALA A 262 -4.37 -10.12 -6.08
C ALA A 262 -5.34 -10.91 -5.21
N ARG A 263 -4.94 -12.14 -4.90
CA ARG A 263 -5.61 -12.97 -3.89
C ARG A 263 -7.06 -13.24 -4.29
N ASN A 264 -7.26 -13.52 -5.57
CA ASN A 264 -8.56 -13.97 -6.04
C ASN A 264 -8.46 -15.39 -6.57
N CYS A 265 -9.24 -15.73 -7.59
CA CYS A 265 -9.36 -17.10 -8.06
C CYS A 265 -9.06 -17.21 -9.55
N PHE A 266 -8.21 -16.34 -10.08
CA PHE A 266 -8.00 -16.27 -11.53
C PHE A 266 -7.06 -17.37 -12.01
N GLN A 267 -7.49 -18.09 -13.05
CA GLN A 267 -6.62 -19.04 -13.70
C GLN A 267 -5.99 -18.50 -14.98
N LEU A 268 -6.50 -17.40 -15.51
CA LEU A 268 -6.01 -16.80 -16.74
C LEU A 268 -6.02 -15.30 -16.54
N TYR A 269 -5.43 -14.57 -17.50
CA TYR A 269 -5.61 -13.14 -17.54
C TYR A 269 -7.05 -12.83 -17.95
N PRO A 270 -7.58 -11.68 -17.53
CA PRO A 270 -8.86 -11.23 -18.09
C PRO A 270 -8.79 -11.13 -19.61
N VAL A 271 -9.79 -11.69 -20.28
CA VAL A 271 -9.77 -11.80 -21.73
C VAL A 271 -10.22 -10.49 -22.37
N GLY A 272 -9.55 -10.08 -23.44
CA GLY A 272 -10.00 -8.91 -24.14
C GLY A 272 -8.98 -8.08 -24.89
N GLY A 273 -7.77 -8.60 -25.08
CA GLY A 273 -6.79 -7.92 -25.91
C GLY A 273 -6.12 -6.73 -25.25
N PRO A 274 -5.12 -6.15 -25.93
CA PRO A 274 -4.27 -5.13 -25.29
C PRO A 274 -4.97 -3.82 -24.93
N SER A 275 -6.14 -3.54 -25.52
CA SER A 275 -6.90 -2.36 -25.10
C SER A 275 -7.12 -2.31 -23.61
N GLN A 276 -7.04 -3.45 -22.91
CA GLN A 276 -7.36 -3.47 -21.50
C GLN A 276 -6.33 -2.75 -20.64
N PHE A 277 -5.10 -2.66 -21.12
CA PHE A 277 -3.99 -2.24 -20.26
C PHE A 277 -3.25 -1.06 -20.85
N SER A 278 -3.86 -0.36 -21.81
CA SER A 278 -3.15 0.68 -22.54
C SER A 278 -2.71 1.82 -21.63
N THR A 279 -3.56 2.26 -20.70
CA THR A 279 -3.15 3.32 -19.78
C THR A 279 -2.66 2.78 -18.46
N ILE A 280 -2.55 1.47 -18.34
CA ILE A 280 -2.26 0.87 -17.05
C ILE A 280 -0.83 1.21 -16.64
N TYR A 281 -0.67 1.59 -15.38
CA TYR A 281 0.63 1.91 -14.81
C TYR A 281 1.06 0.91 -13.76
N SER A 282 0.14 0.44 -12.94
CA SER A 282 0.41 -0.50 -11.87
C SER A 282 -0.58 -1.64 -11.98
N LEU A 283 -0.07 -2.86 -12.04
CA LEU A 283 -0.87 -4.07 -12.22
C LEU A 283 -0.43 -5.11 -11.20
N ASN A 284 -1.36 -5.51 -10.31
CA ASN A 284 -1.08 -6.41 -9.19
C ASN A 284 -1.96 -7.64 -9.34
N MET A 285 -1.35 -8.78 -9.68
CA MET A 285 -2.13 -9.99 -9.86
C MET A 285 -1.61 -11.14 -9.01
N GLU A 286 -0.90 -10.84 -7.92
CA GLU A 286 -0.25 -11.86 -7.12
C GLU A 286 -1.27 -12.72 -6.39
N HIS A 287 -0.85 -13.95 -6.06
CA HIS A 287 -1.66 -14.92 -5.31
C HIS A 287 -2.93 -15.29 -6.08
N ASN A 288 -2.74 -15.77 -7.29
CA ASN A 288 -3.81 -16.41 -8.06
C ASN A 288 -3.23 -17.71 -8.60
N ARG A 289 -3.84 -18.24 -9.65
CA ARG A 289 -3.36 -19.42 -10.34
C ARG A 289 -3.24 -19.14 -11.83
N ILE A 290 -2.74 -17.96 -12.19
CA ILE A 290 -2.64 -17.57 -13.59
C ILE A 290 -1.55 -18.40 -14.26
N ASN A 291 -1.90 -19.15 -15.29
CA ASN A 291 -0.90 -20.05 -15.85
C ASN A 291 -0.11 -19.46 -17.00
N LYS A 292 -0.37 -18.22 -17.41
CA LYS A 292 0.48 -17.66 -18.45
C LYS A 292 0.19 -16.17 -18.57
N ILE A 293 1.14 -15.43 -19.10
CA ILE A 293 0.94 -14.05 -19.53
C ILE A 293 0.67 -14.07 -21.03
N PRO A 294 -0.52 -13.69 -21.50
CA PRO A 294 -0.84 -13.79 -22.93
C PRO A 294 0.12 -13.00 -23.80
N PHE A 295 0.42 -13.56 -24.97
CA PHE A 295 1.21 -12.82 -25.97
C PHE A 295 0.43 -11.59 -26.40
N GLY A 296 1.04 -10.41 -26.23
CA GLY A 296 0.42 -9.18 -26.71
C GLY A 296 -0.31 -8.30 -25.69
N ILE A 297 -0.60 -8.77 -24.47
CA ILE A 297 -1.50 -7.97 -23.62
C ILE A 297 -0.92 -6.60 -23.29
N PHE A 298 0.41 -6.46 -23.28
CA PHE A 298 1.03 -5.20 -22.89
C PHE A 298 1.60 -4.44 -24.08
N SER A 299 1.19 -4.80 -25.31
CA SER A 299 1.75 -4.16 -26.49
C SER A 299 1.34 -2.70 -26.63
N ARG A 300 0.25 -2.30 -25.99
CA ARG A 300 -0.16 -0.90 -25.97
C ARG A 300 0.13 -0.24 -24.63
N ALA A 301 0.62 -0.98 -23.63
CA ALA A 301 0.71 -0.43 -22.28
C ALA A 301 1.94 0.47 -22.22
N LYS A 302 1.79 1.67 -22.77
CA LYS A 302 2.92 2.58 -22.92
C LYS A 302 3.58 2.92 -21.59
N VAL A 303 2.81 2.93 -20.50
CA VAL A 303 3.36 3.35 -19.22
C VAL A 303 3.25 2.26 -18.15
N LEU A 304 3.07 1.01 -18.54
CA LEU A 304 3.18 -0.08 -17.59
C LEU A 304 4.57 -0.05 -16.96
N SER A 305 4.64 0.05 -15.65
CA SER A 305 5.95 0.04 -15.01
C SER A 305 6.05 -0.76 -13.72
N LYS A 306 4.95 -1.26 -13.17
CA LYS A 306 4.96 -2.17 -12.02
C LYS A 306 4.01 -3.31 -12.30
N LEU A 307 4.55 -4.52 -12.40
CA LEU A 307 3.75 -5.72 -12.60
C LEU A 307 4.13 -6.69 -11.49
N ASN A 308 3.15 -7.12 -10.71
CA ASN A 308 3.35 -8.10 -9.65
C ASN A 308 2.58 -9.36 -10.01
N MET A 309 3.31 -10.40 -10.40
CA MET A 309 2.79 -11.72 -10.73
C MET A 309 3.21 -12.78 -9.71
N LYS A 310 3.60 -12.35 -8.51
CA LYS A 310 4.06 -13.29 -7.48
C LYS A 310 3.00 -14.33 -7.15
N ASP A 311 3.46 -15.58 -6.98
CA ASP A 311 2.63 -16.67 -6.46
C ASP A 311 1.47 -16.99 -7.39
N ASN A 312 1.80 -17.26 -8.66
CA ASN A 312 0.83 -17.78 -9.61
C ASN A 312 1.31 -19.12 -10.15
N GLN A 313 0.99 -19.46 -11.39
CA GLN A 313 1.33 -20.75 -11.97
C GLN A 313 2.17 -20.61 -13.24
N LEU A 314 3.02 -19.58 -13.31
CA LEU A 314 3.84 -19.36 -14.49
C LEU A 314 4.92 -20.43 -14.63
N THR A 315 4.95 -21.10 -15.78
CA THR A 315 6.04 -22.01 -16.11
C THR A 315 6.98 -21.44 -17.16
N SER A 316 6.60 -20.36 -17.84
CA SER A 316 7.53 -19.63 -18.68
C SER A 316 7.00 -18.22 -18.87
N LEU A 317 7.74 -17.42 -19.64
CA LEU A 317 7.44 -16.05 -19.94
C LEU A 317 7.15 -15.91 -21.42
N PRO A 318 6.27 -14.99 -21.81
CA PRO A 318 5.83 -14.89 -23.21
C PRO A 318 6.94 -14.41 -24.14
N LEU A 319 6.75 -14.70 -25.43
CA LEU A 319 7.76 -14.39 -26.45
C LEU A 319 8.11 -12.91 -26.49
N ASP A 320 7.16 -12.04 -26.19
CA ASP A 320 7.29 -10.59 -26.32
C ASP A 320 7.67 -9.95 -25.00
N PHE A 321 8.07 -10.76 -24.04
CA PHE A 321 8.44 -10.28 -22.72
C PHE A 321 9.47 -9.15 -22.77
N GLY A 322 10.40 -9.22 -23.70
CA GLY A 322 11.41 -8.18 -23.79
C GLY A 322 10.94 -6.87 -24.36
N THR A 323 9.66 -6.74 -24.72
CA THR A 323 9.13 -5.48 -25.22
C THR A 323 8.64 -4.57 -24.10
N TRP A 324 8.64 -5.03 -22.85
CA TRP A 324 8.14 -4.24 -21.73
C TRP A 324 9.17 -3.19 -21.30
N THR A 325 9.42 -2.26 -22.22
CA THR A 325 10.57 -1.38 -22.08
C THR A 325 10.36 -0.21 -21.12
N SER A 326 9.18 -0.02 -20.53
CA SER A 326 9.06 1.00 -19.49
C SER A 326 8.84 0.41 -18.11
N MET A 327 8.99 -0.90 -17.96
CA MET A 327 8.80 -1.53 -16.67
C MET A 327 9.93 -1.18 -15.71
N VAL A 328 9.56 -0.90 -14.46
CA VAL A 328 10.51 -0.52 -13.42
C VAL A 328 10.61 -1.58 -12.34
N GLU A 329 9.49 -2.19 -11.97
CA GLU A 329 9.46 -3.22 -10.94
C GLU A 329 8.70 -4.42 -11.49
N LEU A 330 9.33 -5.58 -11.47
CA LEU A 330 8.77 -6.82 -11.97
C LEU A 330 8.94 -7.87 -10.89
N ASN A 331 7.83 -8.37 -10.37
CA ASN A 331 7.88 -9.41 -9.35
C ASN A 331 7.35 -10.72 -9.94
N LEU A 332 8.22 -11.71 -10.05
CA LEU A 332 7.86 -13.04 -10.55
C LEU A 332 8.11 -14.12 -9.52
N ALA A 333 8.24 -13.76 -8.25
CA ALA A 333 8.54 -14.74 -7.22
C ALA A 333 7.42 -15.77 -7.09
N THR A 334 7.78 -16.93 -6.55
CA THR A 334 6.84 -18.00 -6.18
C THR A 334 6.04 -18.49 -7.39
N ASN A 335 6.68 -18.56 -8.54
CA ASN A 335 6.17 -19.30 -9.68
C ASN A 335 7.02 -20.57 -9.89
N GLN A 336 6.84 -21.22 -11.03
CA GLN A 336 7.57 -22.44 -11.36
C GLN A 336 8.50 -22.23 -12.55
N LEU A 337 9.10 -21.05 -12.65
CA LEU A 337 9.94 -20.76 -13.79
C LEU A 337 11.22 -21.59 -13.70
N THR A 338 11.58 -22.23 -14.81
CA THR A 338 12.80 -23.01 -14.92
C THR A 338 13.93 -22.27 -15.63
N LYS A 339 13.62 -21.26 -16.46
CA LYS A 339 14.65 -20.38 -16.99
C LYS A 339 14.04 -19.04 -17.35
N ILE A 340 14.89 -18.04 -17.42
CA ILE A 340 14.51 -16.69 -17.87
C ILE A 340 14.98 -16.51 -19.30
N PRO A 341 14.12 -16.10 -20.23
CA PRO A 341 14.53 -16.01 -21.62
C PRO A 341 15.60 -14.96 -21.83
N GLU A 342 16.40 -15.18 -22.86
CA GLU A 342 17.45 -14.20 -23.17
C GLU A 342 16.87 -12.82 -23.43
N ASP A 343 15.60 -12.74 -23.84
CA ASP A 343 14.94 -11.45 -24.12
C ASP A 343 14.75 -10.55 -22.91
N VAL A 344 15.12 -11.04 -21.71
CA VAL A 344 15.06 -10.18 -20.54
C VAL A 344 15.87 -8.92 -20.74
N SER A 345 16.85 -8.99 -21.65
CA SER A 345 17.70 -7.85 -21.96
C SER A 345 16.95 -6.66 -22.53
N GLY A 346 15.72 -6.86 -23.01
CA GLY A 346 14.93 -5.75 -23.52
C GLY A 346 14.43 -4.78 -22.46
N LEU A 347 14.37 -5.21 -21.19
CA LEU A 347 13.76 -4.43 -20.12
C LEU A 347 14.74 -3.35 -19.61
N VAL A 348 14.97 -2.35 -20.47
CA VAL A 348 16.02 -1.40 -20.16
C VAL A 348 15.64 -0.47 -19.02
N SER A 349 14.36 -0.41 -18.67
CA SER A 349 13.96 0.43 -17.55
C SER A 349 13.99 -0.29 -16.20
N LEU A 350 14.26 -1.59 -16.18
CA LEU A 350 14.02 -2.37 -14.96
C LEU A 350 14.96 -1.94 -13.84
N GLU A 351 14.37 -1.56 -12.69
CA GLU A 351 15.13 -1.28 -11.48
C GLU A 351 15.03 -2.37 -10.43
N VAL A 352 13.96 -3.16 -10.45
CA VAL A 352 13.73 -4.17 -9.41
C VAL A 352 13.30 -5.46 -10.09
N LEU A 353 14.04 -6.53 -9.87
CA LEU A 353 13.67 -7.83 -10.39
C LEU A 353 13.58 -8.79 -9.21
N ILE A 354 12.41 -9.35 -8.99
CA ILE A 354 12.19 -10.31 -7.93
C ILE A 354 11.89 -11.64 -8.58
N LEU A 355 12.74 -12.63 -8.34
CA LEU A 355 12.62 -13.96 -8.93
C LEU A 355 12.73 -15.05 -7.87
N SER A 356 12.49 -14.70 -6.61
CA SER A 356 12.77 -15.64 -5.53
C SER A 356 11.81 -16.82 -5.56
N ASN A 357 12.33 -18.00 -5.23
CA ASN A 357 11.51 -19.18 -4.99
C ASN A 357 10.85 -19.69 -6.26
N ASN A 358 11.57 -19.60 -7.38
CA ASN A 358 11.25 -20.35 -8.58
C ASN A 358 12.13 -21.61 -8.62
N LEU A 359 12.45 -22.11 -9.81
CA LEU A 359 13.20 -23.35 -10.01
C LEU A 359 14.39 -23.12 -10.94
N LEU A 360 15.09 -22.01 -10.79
CA LEU A 360 16.11 -21.62 -11.76
C LEU A 360 17.45 -22.26 -11.42
N LYS A 361 18.08 -22.89 -12.41
CA LYS A 361 19.43 -23.44 -12.25
C LYS A 361 20.50 -22.53 -12.82
N LYS A 362 20.14 -21.69 -13.80
CA LYS A 362 21.07 -20.75 -14.42
C LYS A 362 20.29 -19.51 -14.85
N LEU A 363 21.01 -18.39 -15.02
CA LEU A 363 20.42 -17.17 -15.55
C LEU A 363 20.88 -16.95 -16.97
N PRO A 364 20.12 -16.19 -17.76
CA PRO A 364 20.52 -15.93 -19.15
C PRO A 364 21.64 -14.92 -19.24
N HIS A 365 22.36 -14.95 -20.37
CA HIS A 365 23.38 -13.93 -20.63
C HIS A 365 22.76 -12.54 -20.64
N GLY A 366 21.59 -12.39 -21.26
CA GLY A 366 20.87 -11.13 -21.39
C GLY A 366 20.60 -10.40 -20.09
N LEU A 367 20.72 -11.09 -18.96
CA LEU A 367 20.55 -10.41 -17.68
C LEU A 367 21.50 -9.23 -17.56
N GLY A 368 22.68 -9.30 -18.18
CA GLY A 368 23.66 -8.25 -18.03
C GLY A 368 23.30 -6.94 -18.72
N ASN A 369 22.29 -6.92 -19.57
CA ASN A 369 21.88 -5.69 -20.24
C ASN A 369 20.99 -4.79 -19.39
N LEU A 370 20.60 -5.22 -18.19
CA LEU A 370 19.68 -4.45 -17.35
C LEU A 370 20.49 -3.41 -16.59
N ARG A 371 20.87 -2.36 -17.30
CA ARG A 371 21.86 -1.42 -16.81
C ARG A 371 21.32 -0.55 -15.67
N LYS A 372 20.00 -0.50 -15.48
CA LYS A 372 19.38 0.27 -14.41
C LYS A 372 18.99 -0.59 -13.21
N LEU A 373 19.18 -1.90 -13.29
CA LEU A 373 18.77 -2.80 -12.22
C LEU A 373 19.47 -2.44 -10.90
N ARG A 374 18.67 -2.12 -9.89
CA ARG A 374 19.16 -1.79 -8.55
C ARG A 374 18.99 -2.93 -7.55
N GLU A 375 17.94 -3.73 -7.68
CA GLU A 375 17.62 -4.81 -6.75
C GLU A 375 17.39 -6.11 -7.50
N LEU A 376 18.10 -7.17 -7.15
CA LEU A 376 17.92 -8.47 -7.80
C LEU A 376 17.73 -9.54 -6.75
N ASP A 377 16.51 -10.09 -6.65
CA ASP A 377 16.17 -11.07 -5.61
C ASP A 377 16.04 -12.44 -6.25
N LEU A 378 17.01 -13.32 -5.97
CA LEU A 378 17.08 -14.66 -6.55
C LEU A 378 17.08 -15.73 -5.48
N GLU A 379 16.55 -15.44 -4.30
CA GLU A 379 16.65 -16.39 -3.21
C GLU A 379 15.77 -17.61 -3.49
N GLU A 380 16.17 -18.76 -2.93
CA GLU A 380 15.38 -19.98 -2.94
C GLU A 380 15.18 -20.54 -4.35
N ASN A 381 16.18 -20.39 -5.20
CA ASN A 381 16.20 -21.09 -6.46
C ASN A 381 17.17 -22.26 -6.35
N LYS A 382 17.70 -22.72 -7.49
CA LYS A 382 18.68 -23.79 -7.54
C LYS A 382 19.92 -23.33 -8.28
N LEU A 383 20.20 -22.04 -8.29
CA LEU A 383 21.32 -21.52 -9.06
C LEU A 383 22.59 -22.28 -8.73
N GLU A 384 23.28 -22.72 -9.78
CA GLU A 384 24.56 -23.39 -9.66
C GLU A 384 25.72 -22.52 -10.12
N SER A 385 25.44 -21.39 -10.80
CA SER A 385 26.47 -20.44 -11.17
C SER A 385 25.80 -19.13 -11.59
N LEU A 386 26.57 -18.06 -11.56
CA LEU A 386 26.13 -16.77 -12.04
C LEU A 386 26.78 -16.45 -13.37
N PRO A 387 26.06 -15.99 -14.38
CA PRO A 387 26.70 -15.71 -15.67
C PRO A 387 27.80 -14.68 -15.49
N ASN A 388 28.77 -14.69 -16.41
CA ASN A 388 29.78 -13.65 -16.33
C ASN A 388 29.24 -12.27 -16.69
N GLU A 389 28.07 -12.21 -17.31
CA GLU A 389 27.57 -10.91 -17.72
C GLU A 389 27.07 -10.07 -16.55
N ILE A 390 27.03 -10.62 -15.33
CA ILE A 390 26.57 -9.79 -14.22
C ILE A 390 27.51 -8.63 -13.98
N ALA A 391 28.73 -8.69 -14.51
CA ALA A 391 29.64 -7.55 -14.37
C ALA A 391 29.05 -6.25 -14.91
N TYR A 392 28.03 -6.32 -15.77
CA TYR A 392 27.46 -5.12 -16.39
C TYR A 392 26.24 -4.57 -15.65
N LEU A 393 25.89 -5.16 -14.49
CA LEU A 393 24.83 -4.60 -13.64
C LEU A 393 25.38 -3.46 -12.78
N LYS A 394 25.79 -2.39 -13.47
CA LYS A 394 26.56 -1.36 -12.80
C LYS A 394 25.75 -0.62 -11.74
N ASP A 395 24.42 -0.62 -11.82
CA ASP A 395 23.61 0.04 -10.82
C ASP A 395 23.21 -0.89 -9.70
N LEU A 396 23.71 -2.11 -9.66
CA LEU A 396 23.16 -3.08 -8.72
C LEU A 396 23.55 -2.72 -7.30
N GLN A 397 22.56 -2.63 -6.43
CA GLN A 397 22.81 -2.27 -5.04
C GLN A 397 22.49 -3.38 -4.05
N LYS A 398 21.57 -4.26 -4.39
CA LYS A 398 21.18 -5.37 -3.51
C LYS A 398 21.10 -6.61 -4.37
N LEU A 399 21.78 -7.68 -3.93
CA LEU A 399 21.81 -8.95 -4.64
C LEU A 399 21.60 -10.06 -3.62
N VAL A 400 20.49 -10.79 -3.75
CA VAL A 400 20.07 -11.76 -2.74
C VAL A 400 20.13 -13.14 -3.38
N LEU A 401 20.92 -14.05 -2.78
CA LEU A 401 21.15 -15.38 -3.34
C LEU A 401 20.94 -16.47 -2.30
N THR A 402 20.25 -16.14 -1.21
CA THR A 402 20.09 -17.05 -0.08
C THR A 402 19.55 -18.41 -0.52
N ASN A 403 20.25 -19.47 -0.12
CA ASN A 403 19.78 -20.83 -0.36
C ASN A 403 19.67 -21.12 -1.85
N ASN A 404 20.80 -20.98 -2.54
CA ASN A 404 20.98 -21.55 -3.86
C ASN A 404 22.09 -22.59 -3.75
N GLN A 405 22.64 -23.02 -4.89
CA GLN A 405 23.69 -24.03 -4.95
C GLN A 405 25.02 -23.45 -5.43
N LEU A 406 25.31 -22.20 -5.14
CA LEU A 406 26.51 -21.62 -5.72
C LEU A 406 27.74 -22.22 -5.05
N THR A 407 28.75 -22.61 -5.86
CA THR A 407 30.02 -23.01 -5.27
C THR A 407 31.06 -21.90 -5.35
N THR A 408 30.94 -20.98 -6.30
CA THR A 408 31.72 -19.75 -6.26
C THR A 408 30.95 -18.65 -6.98
N LEU A 409 31.57 -17.47 -7.07
CA LEU A 409 31.09 -16.30 -7.78
C LEU A 409 31.94 -16.02 -9.01
N PRO A 410 31.38 -15.41 -10.05
CA PRO A 410 32.21 -14.95 -11.18
C PRO A 410 33.16 -13.85 -10.74
N ARG A 411 34.36 -13.85 -11.32
CA ARG A 411 35.32 -12.80 -10.99
C ARG A 411 34.78 -11.43 -11.36
N GLY A 412 33.91 -11.36 -12.38
CA GLY A 412 33.29 -10.09 -12.78
C GLY A 412 32.46 -9.44 -11.69
N ILE A 413 32.12 -10.18 -10.64
CA ILE A 413 31.32 -9.65 -9.56
C ILE A 413 31.97 -8.41 -8.96
N GLY A 414 33.29 -8.26 -9.11
CA GLY A 414 33.98 -7.09 -8.58
C GLY A 414 33.75 -5.82 -9.37
N HIS A 415 33.07 -5.89 -10.50
CA HIS A 415 32.72 -4.64 -11.17
C HIS A 415 31.48 -3.99 -10.58
N LEU A 416 30.75 -4.69 -9.71
CA LEU A 416 29.52 -4.17 -9.14
C LEU A 416 29.85 -3.19 -8.02
N THR A 417 30.30 -2.00 -8.41
CA THR A 417 30.81 -1.03 -7.46
C THR A 417 29.72 -0.32 -6.66
N ASN A 418 28.47 -0.37 -7.10
CA ASN A 418 27.38 0.19 -6.29
C ASN A 418 26.78 -0.84 -5.33
N LEU A 419 27.32 -2.05 -5.29
CA LEU A 419 26.69 -3.10 -4.53
C LEU A 419 26.89 -2.84 -3.04
N THR A 420 25.79 -2.75 -2.28
CA THR A 420 25.86 -2.53 -0.85
C THR A 420 25.50 -3.76 -0.04
N HIS A 421 24.69 -4.65 -0.59
CA HIS A 421 24.16 -5.79 0.14
C HIS A 421 24.32 -7.02 -0.73
N LEU A 422 25.08 -7.98 -0.25
CA LEU A 422 25.34 -9.24 -0.94
C LEU A 422 24.87 -10.35 0.00
N GLY A 423 23.77 -11.00 -0.35
CA GLY A 423 23.22 -12.05 0.51
C GLY A 423 23.52 -13.44 -0.04
N LEU A 424 24.54 -14.11 0.52
CA LEU A 424 25.00 -15.39 0.02
C LEU A 424 24.72 -16.55 0.97
N GLY A 425 23.93 -16.33 2.01
CA GLY A 425 23.74 -17.37 3.01
C GLY A 425 23.11 -18.62 2.41
N GLU A 426 23.40 -19.75 3.06
CA GLU A 426 22.79 -21.03 2.70
C GLU A 426 23.13 -21.47 1.29
N ASN A 427 24.39 -21.33 0.90
CA ASN A 427 24.85 -21.82 -0.40
C ASN A 427 25.89 -22.95 -0.21
N LEU A 428 26.62 -23.26 -1.28
CA LEU A 428 27.68 -24.26 -1.26
C LEU A 428 29.03 -23.64 -1.61
N LEU A 429 29.26 -22.40 -1.21
CA LEU A 429 30.47 -21.70 -1.60
C LEU A 429 31.71 -22.37 -1.02
N THR A 430 32.75 -22.53 -1.86
CA THR A 430 34.05 -22.94 -1.35
C THR A 430 35.00 -21.77 -1.13
N HIS A 431 34.81 -20.67 -1.83
CA HIS A 431 35.72 -19.53 -1.72
C HIS A 431 35.08 -18.33 -2.41
N LEU A 432 35.50 -17.13 -2.01
CA LEU A 432 35.09 -15.96 -2.78
C LEU A 432 36.22 -15.49 -3.69
N PRO A 433 35.92 -14.91 -4.85
CA PRO A 433 36.99 -14.42 -5.72
C PRO A 433 37.77 -13.29 -5.07
N GLU A 434 39.01 -13.12 -5.52
CA GLU A 434 39.81 -11.99 -5.04
C GLU A 434 39.25 -10.66 -5.50
N GLU A 435 38.46 -10.67 -6.58
CA GLU A 435 37.79 -9.46 -7.08
C GLU A 435 36.69 -8.95 -6.16
N ILE A 436 36.40 -9.65 -5.06
CA ILE A 436 35.45 -9.19 -4.06
C ILE A 436 35.90 -7.81 -3.58
N GLY A 437 37.20 -7.55 -3.69
CA GLY A 437 37.82 -6.40 -3.05
C GLY A 437 37.55 -5.06 -3.68
N THR A 438 37.02 -5.02 -4.90
CA THR A 438 36.67 -3.75 -5.50
C THR A 438 35.20 -3.36 -5.24
N LEU A 439 34.47 -4.15 -4.45
CA LEU A 439 33.11 -3.81 -4.06
C LEU A 439 33.19 -2.67 -3.06
N GLU A 440 33.37 -1.46 -3.60
CA GLU A 440 33.75 -0.32 -2.77
C GLU A 440 32.67 0.01 -1.74
N ASN A 441 31.40 -0.15 -2.11
CA ASN A 441 30.28 0.25 -1.28
C ASN A 441 29.66 -0.91 -0.53
N LEU A 442 30.31 -2.06 -0.47
CA LEU A 442 29.74 -3.20 0.22
C LEU A 442 29.56 -2.90 1.71
N GLU A 443 28.34 -2.99 2.19
CA GLU A 443 28.06 -2.78 3.60
C GLU A 443 27.65 -4.04 4.32
N GLU A 444 26.95 -4.93 3.63
CA GLU A 444 26.36 -6.11 4.24
C GLU A 444 26.74 -7.32 3.40
N LEU A 445 27.40 -8.27 4.04
CA LEU A 445 27.79 -9.53 3.42
C LEU A 445 27.27 -10.66 4.31
N TYR A 446 26.32 -11.44 3.83
CA TYR A 446 25.81 -12.56 4.60
C TYR A 446 26.36 -13.86 4.03
N LEU A 447 27.15 -14.57 4.85
CA LEU A 447 27.80 -15.80 4.46
C LEU A 447 27.39 -16.99 5.31
N ASN A 448 26.43 -16.81 6.22
CA ASN A 448 26.08 -17.85 7.18
C ASN A 448 25.59 -19.12 6.49
N ASP A 449 25.95 -20.26 7.08
CA ASP A 449 25.48 -21.56 6.60
C ASP A 449 26.02 -21.88 5.21
N ASN A 450 27.34 -21.72 5.05
CA ASN A 450 28.09 -22.19 3.89
C ASN A 450 29.09 -23.22 4.41
N PRO A 451 28.64 -24.46 4.58
CA PRO A 451 29.46 -25.48 5.26
C PRO A 451 30.73 -25.85 4.54
N ASN A 452 30.92 -25.40 3.29
CA ASN A 452 32.11 -25.72 2.53
C ASN A 452 33.06 -24.54 2.37
N LEU A 453 32.78 -23.41 3.03
CA LEU A 453 33.59 -22.20 2.85
C LEU A 453 34.73 -22.22 3.87
N HIS A 454 35.93 -22.58 3.42
CA HIS A 454 37.08 -22.68 4.31
C HIS A 454 38.01 -21.48 4.22
N SER A 455 37.75 -20.55 3.30
CA SER A 455 38.61 -19.41 3.08
C SER A 455 37.78 -18.14 2.91
N LEU A 456 38.39 -17.03 3.29
CA LEU A 456 37.99 -15.71 2.93
C LEU A 456 39.18 -15.03 2.26
N PRO A 457 38.99 -14.33 1.15
CA PRO A 457 40.14 -13.66 0.52
C PRO A 457 40.60 -12.48 1.35
N PHE A 458 41.90 -12.24 1.30
CA PHE A 458 42.47 -11.08 1.98
C PHE A 458 41.89 -9.76 1.47
N GLU A 459 41.50 -9.69 0.18
CA GLU A 459 41.02 -8.41 -0.35
C GLU A 459 39.69 -7.98 0.26
N LEU A 460 39.02 -8.86 1.01
CA LEU A 460 37.85 -8.42 1.77
C LEU A 460 38.22 -7.30 2.74
N ALA A 461 39.50 -7.18 3.09
CA ALA A 461 39.95 -6.02 3.89
C ALA A 461 39.81 -4.71 3.13
N LEU A 462 39.74 -4.75 1.81
CA LEU A 462 39.60 -3.55 1.01
C LEU A 462 38.18 -3.00 1.02
N CYS A 463 37.23 -3.69 1.67
CA CYS A 463 35.83 -3.25 1.69
C CYS A 463 35.62 -2.35 2.89
N SER A 464 35.97 -1.08 2.70
CA SER A 464 36.06 -0.14 3.81
C SER A 464 34.69 0.28 4.36
N LYS A 465 33.59 -0.06 3.69
CA LYS A 465 32.27 0.24 4.25
C LYS A 465 31.60 -0.99 4.86
N LEU A 466 32.30 -2.13 4.90
CA LEU A 466 31.73 -3.37 5.39
C LEU A 466 31.51 -3.28 6.90
N SER A 467 30.24 -3.20 7.31
CA SER A 467 29.87 -3.15 8.72
C SER A 467 29.05 -4.34 9.20
N ILE A 468 28.49 -5.14 8.30
CA ILE A 468 27.69 -6.31 8.65
C ILE A 468 28.24 -7.50 7.89
N MET A 469 28.49 -8.59 8.62
CA MET A 469 28.87 -9.85 8.01
C MET A 469 28.39 -10.97 8.94
N SER A 470 27.80 -12.01 8.37
CA SER A 470 27.54 -13.23 9.11
C SER A 470 28.37 -14.35 8.51
N ILE A 471 28.88 -15.23 9.37
CA ILE A 471 29.69 -16.37 8.93
C ILE A 471 29.42 -17.56 9.84
N GLU A 472 28.31 -17.54 10.57
CA GLU A 472 27.95 -18.67 11.41
C GLU A 472 27.83 -19.95 10.59
N ASN A 473 28.41 -21.03 11.09
CA ASN A 473 28.34 -22.36 10.46
C ASN A 473 29.13 -22.43 9.16
N CYS A 474 30.18 -21.63 9.04
CA CYS A 474 31.17 -21.79 7.99
C CYS A 474 32.46 -22.29 8.61
N PRO A 475 33.03 -23.38 8.09
CA PRO A 475 34.24 -23.94 8.71
C PRO A 475 35.37 -22.94 8.83
N LEU A 476 35.71 -22.27 7.73
CA LEU A 476 36.82 -21.32 7.67
C LEU A 476 38.09 -21.92 8.28
N SER A 477 38.40 -23.15 7.88
CA SER A 477 39.48 -23.87 8.54
C SER A 477 40.86 -23.50 8.03
N HIS A 478 40.97 -22.69 6.98
CA HIS A 478 42.23 -22.05 6.61
C HIS A 478 42.54 -20.80 7.44
N LEU A 479 41.68 -20.41 8.29
CA LEU A 479 41.90 -19.33 9.23
C LEU A 479 42.19 -19.90 10.62
N PRO A 480 42.98 -19.22 11.44
CA PRO A 480 43.30 -19.74 12.78
C PRO A 480 42.02 -19.97 13.56
N PRO A 481 41.88 -21.14 14.20
CA PRO A 481 40.63 -21.42 14.94
C PRO A 481 40.18 -20.33 15.90
N GLN A 482 41.10 -19.72 16.68
CA GLN A 482 40.62 -18.74 17.65
C GLN A 482 40.24 -17.42 17.01
N ILE A 483 40.80 -17.10 15.85
CA ILE A 483 40.33 -15.95 15.09
C ILE A 483 38.86 -16.14 14.73
N VAL A 484 38.56 -17.21 13.96
CA VAL A 484 37.17 -17.36 13.51
C VAL A 484 36.23 -17.64 14.66
N ALA A 485 36.75 -18.12 15.80
CA ALA A 485 35.88 -18.26 16.97
C ALA A 485 35.46 -16.90 17.49
N GLY A 486 36.31 -15.90 17.35
CA GLY A 486 35.95 -14.53 17.73
C GLY A 486 34.94 -13.85 16.84
N GLY A 487 34.50 -14.48 15.75
CA GLY A 487 33.45 -13.93 14.94
C GLY A 487 33.94 -12.89 13.94
N PRO A 488 33.02 -12.11 13.39
CA PRO A 488 33.34 -11.22 12.26
C PRO A 488 34.33 -10.10 12.59
N SER A 489 34.25 -9.52 13.79
CA SER A 489 35.20 -8.48 14.16
C SER A 489 36.64 -8.97 14.04
N PHE A 490 36.92 -10.15 14.59
CA PHE A 490 38.30 -10.66 14.53
C PHE A 490 38.66 -11.13 13.14
N ILE A 491 37.72 -11.72 12.42
CA ILE A 491 38.02 -12.21 11.09
C ILE A 491 38.44 -11.04 10.19
N ILE A 492 37.64 -9.96 10.18
CA ILE A 492 37.99 -8.79 9.38
C ILE A 492 39.29 -8.16 9.90
N GLN A 493 39.41 -8.01 11.22
CA GLN A 493 40.67 -7.50 11.76
C GLN A 493 41.84 -8.34 11.29
N PHE A 494 41.68 -9.66 11.28
CA PHE A 494 42.78 -10.53 10.88
C PHE A 494 43.11 -10.35 9.40
N LEU A 495 42.07 -10.19 8.57
CA LEU A 495 42.28 -10.03 7.14
C LEU A 495 42.99 -8.72 6.82
N LYS A 496 42.68 -7.66 7.57
CA LYS A 496 43.28 -6.35 7.30
C LYS A 496 44.73 -6.29 7.77
N MET A 497 44.98 -6.64 9.05
CA MET A 497 46.31 -6.47 9.62
C MET A 497 47.28 -7.57 9.21
N GLN A 498 46.80 -8.74 8.81
CA GLN A 498 47.68 -9.85 8.50
C GLN A 498 47.59 -10.27 7.03
N GLY A 499 47.12 -9.38 6.15
CA GLY A 499 47.10 -9.59 4.73
C GLY A 499 48.06 -8.63 4.04
N PRO A 500 48.07 -8.61 2.71
CA PRO A 500 48.99 -7.71 1.97
C PRO A 500 48.51 -6.28 1.84
N TYR A 501 47.37 -5.91 2.40
CA TYR A 501 46.86 -4.55 2.28
C TYR A 501 46.97 -3.79 3.59
N ARG A 502 47.80 -4.30 4.50
CA ARG A 502 47.92 -3.70 5.82
C ARG A 502 48.20 -2.21 5.72
N ALA A 503 49.00 -1.82 4.73
CA ALA A 503 49.43 -0.43 4.59
C ALA A 503 48.35 0.49 4.03
N MET A 504 47.33 -0.03 3.35
CA MET A 504 46.35 0.84 2.71
C MET A 504 44.95 0.71 3.28
N VAL A 505 44.76 0.05 4.41
CA VAL A 505 43.42 -0.06 5.00
C VAL A 505 43.37 0.47 6.43
#